data_5LPC
#
_entry.id   5LPC
#
_cell.length_a   306.160
_cell.length_b   306.160
_cell.length_c   306.160
_cell.angle_alpha   90.00
_cell.angle_beta   90.00
_cell.angle_gamma   90.00
#
_symmetry.space_group_name_H-M   'F 41 3 2'
#
loop_
_entity.id
_entity.type
_entity.pdbx_description
1 polymer 'Vanadium-dependent bromoperoxidase'
2 non-polymer 'PHOSPHATE ION'
#
_entity_poly.entity_id   1
_entity_poly.type   'polypeptide(L)'
_entity_poly.pdbx_seq_one_letter_code
;MGSSHHPHHHHHSSGLEVLFQGPLGSHMNTRRQQAQNIRNNAAELAANRPHPQHINNKEEYEYRRPKKDGNEPSHIANFT
KGLPHDEHTGLLLNSADYDQFVLGIQSGDTTDFARTPLGPAELPKVHGCLSKQKIDCDDDHRSGFWKSQIAQGAAGGDGA
KLRAWESAGAGLVFDLEGPDAQAVTMPPAPRLESPELTSEIAEVYSQALLRDIHFSQLRDPGLGDQVNACDSCPTQLSIY
EAIDILNTVQIEGQNWFSANCCDLTDDEQARQRPLVTRQNIFRGIAPGDDVGPYLSQFLLIGNNALGGGVFGQEAGHIGY
GAIRIDQRVRKATPCKDFMTNFETWLDVQNGADLRGLETYVDADPGKCREFPAYRVITTPRDLATYVHYDALYEAYLNAC
LILLGMGAPFDPGIPFQKPDVEDKQQGFAHFGGPQILTLVCEAATRGLKAVRFQKFNVHRRLRPEALGGLVDRYKHGKGA
GDELKPVAALVEALENVGLLSKVVAHNQLQNQNLDRSGDPSSAGDNYFLPMAFPEGSPMHPSYGAGHATVAGACVTMLKA
FFDHGWQLNLGMANGKYISYEPNQDGSSLQQVLLDCPLTVEGELNKIAANISIGRDWAGVHYFTDYIESLRLGEKIAIGI
LEEQKLTYGENFTMTVPLYDGGSIQI
;
_entity_poly.pdbx_strand_id   A
#
loop_
_chem_comp.id
_chem_comp.type
_chem_comp.name
_chem_comp.formula
PO4 non-polymer 'PHOSPHATE ION' 'O4 P -3'
#
# COMPACT_ATOMS: atom_id res chain seq x y z
N MET A 28 -39.77 -31.76 -4.31
CA MET A 28 -39.18 -32.86 -5.14
C MET A 28 -38.11 -33.63 -4.37
N ASN A 29 -37.24 -32.88 -3.68
CA ASN A 29 -36.24 -33.46 -2.79
C ASN A 29 -36.11 -32.64 -1.49
N THR A 30 -35.60 -33.29 -0.44
CA THR A 30 -35.55 -32.68 0.88
C THR A 30 -34.63 -31.46 0.94
N ARG A 31 -34.86 -30.62 1.95
CA ARG A 31 -34.05 -29.43 2.19
C ARG A 31 -32.57 -29.77 2.38
N ARG A 32 -32.31 -30.88 3.08
CA ARG A 32 -30.94 -31.35 3.35
C ARG A 32 -30.14 -31.56 2.05
N GLN A 33 -30.76 -32.21 1.08
CA GLN A 33 -30.10 -32.56 -0.18
C GLN A 33 -29.81 -31.33 -1.03
N GLN A 34 -30.80 -30.43 -1.13
CA GLN A 34 -30.66 -29.20 -1.89
C GLN A 34 -29.49 -28.36 -1.35
N ALA A 35 -29.50 -28.14 -0.03
CA ALA A 35 -28.44 -27.38 0.63
C ALA A 35 -27.06 -27.95 0.35
N GLN A 36 -26.93 -29.28 0.40
CA GLN A 36 -25.67 -29.95 0.09
C GLN A 36 -25.31 -29.85 -1.39
N ASN A 37 -26.31 -30.00 -2.27
CA ASN A 37 -26.10 -29.87 -3.71
C ASN A 37 -25.62 -28.48 -4.12
N ILE A 38 -26.28 -27.45 -3.58
CA ILE A 38 -25.92 -26.06 -3.88
C ILE A 38 -24.48 -25.78 -3.47
N ARG A 39 -24.05 -26.36 -2.36
CA ARG A 39 -22.67 -26.22 -1.89
C ARG A 39 -21.68 -27.05 -2.73
N ASN A 40 -22.14 -28.17 -3.27
CA ASN A 40 -21.35 -28.96 -4.22
C ASN A 40 -21.23 -28.29 -5.59
N ASN A 41 -22.30 -27.63 -6.02
CA ASN A 41 -22.32 -26.92 -7.31
C ASN A 41 -21.45 -25.66 -7.27
N ALA A 42 -21.44 -24.98 -6.13
CA ALA A 42 -20.56 -23.83 -5.94
C ALA A 42 -19.09 -24.26 -5.88
N ALA A 43 -18.85 -25.47 -5.38
CA ALA A 43 -17.51 -26.04 -5.36
C ALA A 43 -17.04 -26.42 -6.77
N GLU A 44 -17.96 -27.00 -7.56
CA GLU A 44 -17.66 -27.36 -8.94
C GLU A 44 -17.52 -26.13 -9.83
N LEU A 45 -18.40 -25.15 -9.64
CA LEU A 45 -18.31 -23.86 -10.34
C LEU A 45 -16.93 -23.25 -10.14
N ALA A 46 -16.49 -23.22 -8.88
CA ALA A 46 -15.18 -22.68 -8.52
C ALA A 46 -14.04 -23.44 -9.20
N ALA A 47 -14.15 -24.77 -9.23
CA ALA A 47 -13.11 -25.62 -9.81
C ALA A 47 -13.07 -25.54 -11.35
N ASN A 48 -14.22 -25.30 -11.96
CA ASN A 48 -14.33 -25.21 -13.43
C ASN A 48 -13.86 -23.86 -14.00
N ARG A 49 -13.72 -22.85 -13.15
CA ARG A 49 -13.17 -21.56 -13.60
C ARG A 49 -11.74 -21.78 -14.07
N PRO A 50 -11.28 -20.98 -15.06
CA PRO A 50 -9.91 -21.14 -15.55
C PRO A 50 -8.86 -20.91 -14.46
N HIS A 51 -7.92 -21.84 -14.32
CA HIS A 51 -6.84 -21.75 -13.33
C HIS A 51 -5.56 -21.30 -14.00
N PRO A 52 -5.15 -20.03 -13.77
CA PRO A 52 -3.99 -19.51 -14.50
C PRO A 52 -2.67 -19.96 -13.89
N GLN A 53 -1.64 -20.00 -14.73
CA GLN A 53 -0.30 -20.43 -14.29
C GLN A 53 0.46 -19.22 -13.72
N HIS A 54 1.19 -19.45 -12.63
CA HIS A 54 1.84 -18.38 -11.89
C HIS A 54 3.23 -18.08 -12.46
N ILE A 55 3.40 -16.89 -13.00
CA ILE A 55 4.63 -16.49 -13.65
C ILE A 55 5.16 -15.20 -13.02
N ASN A 56 6.45 -15.18 -12.71
CA ASN A 56 7.10 -13.98 -12.15
C ASN A 56 8.20 -13.44 -13.08
N ASN A 57 8.89 -12.38 -12.65
CA ASN A 57 9.82 -11.66 -13.53
C ASN A 57 11.26 -12.20 -13.58
N LYS A 58 11.48 -13.42 -13.10
CA LYS A 58 12.76 -14.13 -13.27
C LYS A 58 13.93 -13.56 -12.44
N GLU A 59 13.73 -12.41 -11.79
CA GLU A 59 14.82 -11.71 -11.12
C GLU A 59 15.45 -12.46 -9.94
N GLU A 60 14.70 -13.38 -9.34
CA GLU A 60 15.10 -14.04 -8.09
C GLU A 60 16.48 -14.68 -8.13
N TYR A 61 16.69 -15.55 -9.12
CA TYR A 61 17.96 -16.27 -9.26
C TYR A 61 18.79 -15.75 -10.42
N GLU A 62 18.37 -14.66 -11.04
CA GLU A 62 19.08 -14.09 -12.19
C GLU A 62 20.29 -13.26 -11.75
N TYR A 63 20.06 -12.29 -10.88
CA TYR A 63 21.10 -11.36 -10.45
C TYR A 63 22.09 -12.06 -9.52
N ARG A 64 23.36 -12.10 -9.92
CA ARG A 64 24.39 -12.87 -9.22
C ARG A 64 25.34 -11.97 -8.44
N ARG A 65 26.08 -12.59 -7.52
CA ARG A 65 27.20 -11.94 -6.85
C ARG A 65 28.32 -12.95 -6.65
N PRO A 66 29.58 -12.47 -6.67
CA PRO A 66 30.72 -13.37 -6.56
C PRO A 66 30.91 -13.95 -5.17
N LYS A 67 31.04 -15.27 -5.10
CA LYS A 67 31.53 -15.95 -3.91
C LYS A 67 32.88 -16.56 -4.28
N LYS A 68 33.54 -17.21 -3.32
CA LYS A 68 34.84 -17.81 -3.57
C LYS A 68 34.69 -19.01 -4.51
N ASP A 69 35.41 -18.98 -5.62
CA ASP A 69 35.39 -20.04 -6.65
C ASP A 69 34.00 -20.21 -7.30
N GLY A 70 33.37 -19.10 -7.66
CA GLY A 70 32.09 -19.15 -8.36
C GLY A 70 31.20 -17.93 -8.15
N ASN A 71 29.89 -18.13 -8.33
CA ASN A 71 28.90 -17.07 -8.16
C ASN A 71 27.59 -17.61 -7.59
N GLU A 72 26.91 -16.78 -6.80
CA GLU A 72 25.64 -17.14 -6.17
C GLU A 72 24.61 -16.06 -6.46
N PRO A 73 23.31 -16.36 -6.21
CA PRO A 73 22.29 -15.31 -6.34
C PRO A 73 22.46 -14.20 -5.31
N SER A 74 22.31 -12.95 -5.75
CA SER A 74 22.39 -11.79 -4.85
C SER A 74 21.13 -11.70 -4.00
N HIS A 75 19.99 -11.93 -4.64
CA HIS A 75 18.67 -11.69 -4.05
C HIS A 75 18.49 -10.23 -3.67
N ILE A 76 19.02 -9.32 -4.50
CA ILE A 76 18.86 -7.89 -4.29
C ILE A 76 17.45 -7.43 -4.61
N ALA A 77 16.82 -8.07 -5.59
CA ALA A 77 15.47 -7.72 -6.01
C ALA A 77 14.39 -8.46 -5.22
N ASN A 78 14.81 -9.22 -4.20
CA ASN A 78 13.87 -10.00 -3.38
C ASN A 78 13.60 -9.39 -2.02
N PHE A 79 12.51 -9.84 -1.40
CA PHE A 79 12.18 -9.49 -0.02
C PHE A 79 13.10 -10.28 0.90
N THR A 80 13.99 -9.58 1.60
CA THR A 80 14.93 -10.19 2.54
C THR A 80 14.80 -9.59 3.93
N LYS A 81 13.70 -8.90 4.20
CA LYS A 81 13.49 -8.21 5.47
C LYS A 81 13.28 -9.21 6.59
N GLY A 82 14.14 -9.17 7.60
CA GLY A 82 14.11 -10.15 8.68
C GLY A 82 15.32 -11.08 8.61
N LEU A 83 15.68 -11.51 7.40
CA LEU A 83 16.87 -12.33 7.20
C LEU A 83 18.10 -11.53 7.59
N PRO A 84 19.19 -12.21 7.98
CA PRO A 84 20.39 -11.46 8.37
C PRO A 84 21.02 -10.64 7.25
N HIS A 85 21.13 -9.33 7.48
CA HIS A 85 21.88 -8.43 6.60
C HIS A 85 23.22 -8.11 7.27
N ASP A 86 24.25 -7.93 6.45
CA ASP A 86 25.58 -7.60 6.94
C ASP A 86 25.58 -6.21 7.55
N GLU A 87 26.18 -6.07 8.75
CA GLU A 87 26.19 -4.79 9.47
C GLU A 87 26.99 -3.69 8.78
N HIS A 88 28.02 -4.06 8.02
CA HIS A 88 28.89 -3.07 7.38
C HIS A 88 28.38 -2.72 5.99
N THR A 89 28.15 -3.73 5.15
CA THR A 89 27.78 -3.50 3.75
C THR A 89 26.25 -3.35 3.53
N GLY A 90 25.45 -3.84 4.49
CA GLY A 90 23.99 -3.65 4.43
C GLY A 90 23.24 -4.51 3.41
N LEU A 91 23.90 -5.57 2.95
CA LEU A 91 23.33 -6.49 1.96
C LEU A 91 23.05 -7.83 2.62
N LEU A 92 22.37 -8.71 1.89
CA LEU A 92 22.07 -10.06 2.39
C LEU A 92 23.36 -10.76 2.81
N LEU A 93 23.41 -11.19 4.07
CA LEU A 93 24.63 -11.75 4.65
C LEU A 93 24.98 -13.10 4.05
N ASN A 94 24.02 -14.02 4.08
CA ASN A 94 24.22 -15.38 3.59
C ASN A 94 23.05 -15.83 2.72
N SER A 95 23.35 -16.20 1.48
CA SER A 95 22.33 -16.66 0.53
C SER A 95 21.63 -17.96 0.98
N ALA A 96 22.31 -18.75 1.82
CA ALA A 96 21.72 -19.97 2.38
C ALA A 96 20.50 -19.67 3.24
N ASP A 97 20.50 -18.52 3.92
CA ASP A 97 19.37 -18.08 4.75
C ASP A 97 18.12 -17.91 3.89
N TYR A 98 18.31 -17.29 2.72
CA TYR A 98 17.22 -17.10 1.77
C TYR A 98 16.69 -18.43 1.22
N ASP A 99 17.59 -19.38 1.01
CA ASP A 99 17.21 -20.71 0.53
C ASP A 99 16.36 -21.45 1.55
N GLN A 100 16.75 -21.34 2.83
CA GLN A 100 15.97 -21.93 3.92
C GLN A 100 14.64 -21.20 4.09
N PHE A 101 14.66 -19.89 3.90
CA PHE A 101 13.46 -19.06 3.94
C PHE A 101 12.47 -19.50 2.86
N VAL A 102 12.95 -19.64 1.63
CA VAL A 102 12.11 -20.06 0.50
C VAL A 102 11.61 -21.48 0.71
N LEU A 103 12.51 -22.42 0.98
CA LEU A 103 12.14 -23.83 1.22
C LEU A 103 11.04 -23.98 2.28
N GLY A 104 11.13 -23.18 3.34
CA GLY A 104 10.10 -23.15 4.38
C GLY A 104 8.75 -22.66 3.88
N ILE A 105 8.77 -21.66 2.99
CA ILE A 105 7.55 -21.12 2.39
C ILE A 105 6.94 -22.07 1.37
N GLN A 106 7.79 -22.62 0.50
CA GLN A 106 7.33 -23.43 -0.64
C GLN A 106 6.74 -24.77 -0.18
N SER A 107 7.35 -25.37 0.84
CA SER A 107 6.73 -26.47 1.56
C SER A 107 5.83 -25.87 2.65
N GLY A 108 5.02 -26.71 3.28
CA GLY A 108 4.16 -26.26 4.39
C GLY A 108 4.83 -26.41 5.75
N ASP A 109 6.07 -26.89 5.76
CA ASP A 109 6.73 -27.30 7.00
C ASP A 109 7.22 -26.10 7.81
N THR A 110 6.63 -25.91 9.00
CA THR A 110 7.00 -24.81 9.88
C THR A 110 8.32 -25.07 10.60
N THR A 111 8.68 -26.35 10.76
CA THR A 111 9.95 -26.73 11.39
C THR A 111 11.14 -26.25 10.55
N ASP A 112 11.06 -26.48 9.24
CA ASP A 112 12.09 -25.99 8.31
C ASP A 112 12.12 -24.47 8.25
N PHE A 113 10.93 -23.85 8.29
CA PHE A 113 10.84 -22.40 8.27
C PHE A 113 11.42 -21.76 9.54
N ALA A 114 11.31 -22.47 10.67
CA ALA A 114 11.86 -21.99 11.94
C ALA A 114 13.38 -22.08 12.00
N ARG A 115 13.97 -22.97 11.19
CA ARG A 115 15.43 -23.07 11.09
C ARG A 115 16.06 -21.80 10.51
N THR A 116 15.29 -21.06 9.71
CA THR A 116 15.76 -19.83 9.09
C THR A 116 16.22 -18.83 10.17
N PRO A 117 17.44 -18.28 10.02
CA PRO A 117 17.85 -17.24 10.97
C PRO A 117 17.07 -15.95 10.78
N LEU A 118 17.04 -15.12 11.82
CA LEU A 118 16.21 -13.94 11.86
C LEU A 118 16.92 -12.86 12.66
N GLY A 119 16.98 -11.66 12.10
CA GLY A 119 17.69 -10.54 12.73
C GLY A 119 19.18 -10.62 12.50
N PRO A 120 19.96 -9.84 13.28
CA PRO A 120 21.42 -9.85 13.14
C PRO A 120 21.99 -11.24 13.37
N ALA A 121 22.99 -11.61 12.58
CA ALA A 121 23.59 -12.94 12.67
C ALA A 121 25.08 -12.92 12.37
N GLU A 122 25.79 -13.94 12.87
CA GLU A 122 27.20 -14.15 12.55
C GLU A 122 27.32 -15.06 11.33
N LEU A 123 28.25 -14.71 10.44
CA LEU A 123 28.51 -15.52 9.26
C LEU A 123 29.26 -16.79 9.69
N PRO A 124 28.89 -17.96 9.15
CA PRO A 124 29.50 -19.20 9.62
C PRO A 124 30.90 -19.41 9.06
N LYS A 125 31.68 -20.27 9.70
CA LYS A 125 33.06 -20.53 9.28
C LYS A 125 33.14 -21.31 7.97
N VAL A 126 32.31 -22.34 7.82
CA VAL A 126 32.23 -23.10 6.56
C VAL A 126 31.11 -22.56 5.68
N HIS A 127 31.41 -22.34 4.41
CA HIS A 127 30.44 -21.86 3.43
C HIS A 127 29.40 -22.95 3.16
N GLY A 128 28.19 -22.54 2.82
CA GLY A 128 27.09 -23.48 2.57
C GLY A 128 26.19 -23.61 3.77
N CYS A 129 26.80 -23.75 4.95
CA CYS A 129 26.06 -23.78 6.22
C CYS A 129 25.28 -22.49 6.42
N LEU A 130 24.13 -22.61 7.08
CA LEU A 130 23.31 -21.44 7.41
C LEU A 130 24.09 -20.50 8.32
N SER A 131 23.88 -19.19 8.14
CA SER A 131 24.36 -18.23 9.11
C SER A 131 23.39 -18.23 10.28
N LYS A 132 23.04 -19.43 10.76
CA LYS A 132 22.05 -19.61 11.80
C LYS A 132 22.44 -18.81 13.03
N GLN A 133 23.74 -18.72 13.29
CA GLN A 133 24.30 -17.96 14.40
C GLN A 133 23.45 -16.72 14.69
N LYS A 134 22.31 -16.96 15.33
CA LYS A 134 21.33 -15.92 15.63
C LYS A 134 21.90 -15.15 16.81
N ILE A 135 22.06 -13.84 16.67
CA ILE A 135 22.68 -13.04 17.72
C ILE A 135 21.77 -12.90 18.95
N ASP A 136 20.45 -12.82 18.73
CA ASP A 136 19.49 -12.74 19.85
C ASP A 136 18.48 -13.90 19.86
N CYS A 137 18.17 -14.36 21.07
CA CYS A 137 17.25 -15.48 21.29
C CYS A 137 16.45 -15.28 22.58
N ASP A 138 17.03 -15.69 23.71
CA ASP A 138 16.47 -15.40 25.03
C ASP A 138 17.34 -14.32 25.69
N ASP A 139 17.18 -13.08 25.20
CA ASP A 139 18.00 -11.95 25.64
C ASP A 139 17.12 -10.81 26.17
N ASP A 140 17.11 -10.63 27.48
CA ASP A 140 16.36 -9.53 28.12
C ASP A 140 16.93 -8.16 27.74
N HIS A 141 18.26 -8.08 27.60
CA HIS A 141 18.94 -6.86 27.15
C HIS A 141 19.58 -7.14 25.79
N ARG A 142 19.24 -6.31 24.80
CA ARG A 142 19.70 -6.51 23.43
C ARG A 142 19.97 -5.18 22.71
N SER A 143 20.43 -4.19 23.48
CA SER A 143 20.79 -2.88 22.92
C SER A 143 22.06 -2.98 22.09
N GLY A 144 22.98 -3.84 22.52
CA GLY A 144 24.28 -3.99 21.87
C GLY A 144 24.25 -4.49 20.43
N PHE A 145 23.19 -5.20 20.06
CA PHE A 145 23.10 -5.80 18.72
C PHE A 145 22.68 -4.79 17.66
N TRP A 146 21.91 -3.79 18.06
CA TRP A 146 21.38 -2.78 17.13
C TRP A 146 22.37 -1.63 16.94
N LYS A 147 22.44 -1.12 15.71
CA LYS A 147 23.42 -0.09 15.33
C LYS A 147 22.88 1.33 15.48
N SER A 148 21.56 1.50 15.56
CA SER A 148 20.93 2.82 15.56
C SER A 148 20.36 3.18 16.93
N GLN A 149 20.63 4.42 17.39
CA GLN A 149 20.16 4.91 18.68
C GLN A 149 18.68 4.65 18.93
N ILE A 150 17.85 4.85 17.91
CA ILE A 150 16.41 4.57 18.01
C ILE A 150 16.17 3.11 18.43
N ALA A 151 16.86 2.18 17.78
CA ALA A 151 16.61 0.76 17.99
C ALA A 151 17.18 0.26 19.32
N GLN A 152 18.42 0.64 19.60
CA GLN A 152 19.13 0.16 20.81
C GLN A 152 18.58 0.74 22.12
N GLY A 153 17.95 1.91 22.04
CA GLY A 153 17.32 2.53 23.21
C GLY A 153 15.80 2.47 23.21
N ALA A 154 15.22 1.91 22.16
CA ALA A 154 13.76 1.93 21.98
C ALA A 154 12.98 1.25 23.09
N ALA A 155 13.09 -0.08 23.17
CA ALA A 155 12.20 -0.88 24.01
C ALA A 155 12.45 -0.70 25.50
N GLY A 156 12.14 0.49 26.01
CA GLY A 156 12.38 0.84 27.40
C GLY A 156 13.84 0.86 27.80
N GLY A 157 14.74 0.99 26.81
CA GLY A 157 16.18 0.94 27.06
C GLY A 157 16.81 -0.43 26.94
N ASP A 158 15.98 -1.48 26.96
CA ASP A 158 16.47 -2.86 26.82
C ASP A 158 16.97 -3.14 25.42
N GLY A 159 16.46 -2.41 24.43
CA GLY A 159 16.81 -2.62 23.03
C GLY A 159 15.66 -3.26 22.29
N ALA A 160 15.51 -2.91 21.02
CA ALA A 160 14.39 -3.38 20.21
C ALA A 160 14.32 -4.90 20.11
N LYS A 161 13.11 -5.42 20.01
CA LYS A 161 12.88 -6.86 19.91
C LYS A 161 12.79 -7.24 18.44
N LEU A 162 12.89 -8.54 18.16
CA LEU A 162 12.70 -9.05 16.81
C LEU A 162 11.21 -9.13 16.47
N ARG A 163 10.93 -9.25 15.18
CA ARG A 163 9.58 -9.50 14.70
C ARG A 163 9.63 -10.52 13.57
N ALA A 164 8.80 -11.55 13.67
CA ALA A 164 8.78 -12.65 12.70
C ALA A 164 8.04 -12.23 11.45
N TRP A 165 8.08 -13.09 10.44
CA TRP A 165 7.39 -12.84 9.17
C TRP A 165 5.90 -13.12 9.34
N GLU A 166 5.08 -12.09 9.17
CA GLU A 166 3.64 -12.21 9.39
C GLU A 166 3.00 -13.08 8.32
N SER A 167 2.37 -14.18 8.76
CA SER A 167 1.60 -15.06 7.89
C SER A 167 2.43 -15.57 6.71
N ALA A 168 3.46 -16.35 7.02
CA ALA A 168 4.33 -16.93 5.99
C ALA A 168 3.61 -17.99 5.16
N GLY A 169 2.62 -18.65 5.75
CA GLY A 169 1.84 -19.69 5.07
C GLY A 169 0.34 -19.45 5.10
N ALA A 170 -0.07 -18.21 4.82
CA ALA A 170 -1.49 -17.86 4.72
C ALA A 170 -2.03 -18.16 3.31
N GLY A 171 -1.14 -18.13 2.32
CA GLY A 171 -1.50 -18.47 0.94
C GLY A 171 -1.74 -19.96 0.70
N LEU A 172 -1.46 -20.79 1.72
CA LEU A 172 -1.70 -22.23 1.65
C LEU A 172 -2.93 -22.65 2.47
N VAL A 173 -3.87 -21.72 2.67
CA VAL A 173 -5.11 -21.98 3.38
C VAL A 173 -6.28 -21.85 2.41
N PHE A 174 -7.22 -22.79 2.50
CA PHE A 174 -8.36 -22.87 1.57
C PHE A 174 -9.52 -21.99 2.06
N ASP A 175 -10.66 -22.07 1.38
CA ASP A 175 -11.85 -21.33 1.80
C ASP A 175 -13.15 -22.01 1.36
N LEU A 176 -14.23 -21.74 2.08
CA LEU A 176 -15.55 -22.31 1.78
C LEU A 176 -16.27 -21.59 0.64
N GLU A 177 -15.90 -20.33 0.39
CA GLU A 177 -16.47 -19.56 -0.71
C GLU A 177 -15.41 -18.74 -1.44
N GLY A 178 -15.74 -18.33 -2.66
CA GLY A 178 -14.82 -17.60 -3.52
C GLY A 178 -13.76 -18.50 -4.14
N PRO A 179 -13.01 -17.98 -5.13
CA PRO A 179 -11.93 -18.75 -5.73
C PRO A 179 -10.77 -18.99 -4.76
N ASP A 180 -10.09 -20.13 -4.93
CA ASP A 180 -8.97 -20.50 -4.08
C ASP A 180 -7.81 -19.52 -4.23
N ALA A 181 -6.94 -19.48 -3.23
CA ALA A 181 -5.78 -18.57 -3.22
C ALA A 181 -4.85 -18.74 -4.42
N GLN A 182 -4.78 -19.96 -4.96
CA GLN A 182 -3.92 -20.27 -6.11
C GLN A 182 -4.69 -20.42 -7.42
N ALA A 183 -6.02 -20.29 -7.37
CA ALA A 183 -6.87 -20.39 -8.56
C ALA A 183 -7.00 -19.04 -9.29
N VAL A 184 -6.22 -18.05 -8.85
CA VAL A 184 -6.19 -16.73 -9.46
C VAL A 184 -4.78 -16.19 -9.28
N THR A 185 -4.36 -15.23 -10.11
CA THR A 185 -2.97 -14.75 -10.05
C THR A 185 -2.77 -13.32 -10.55
N MET A 186 -1.52 -12.86 -10.42
CA MET A 186 -1.09 -11.53 -10.90
C MET A 186 0.10 -11.70 -11.86
N PRO A 187 0.28 -10.75 -12.79
CA PRO A 187 1.36 -10.84 -13.75
C PRO A 187 2.72 -10.50 -13.15
N PRO A 188 3.82 -10.84 -13.83
CA PRO A 188 5.18 -10.51 -13.40
C PRO A 188 5.37 -9.03 -13.07
N ALA A 189 6.07 -8.75 -11.98
CA ALA A 189 6.31 -7.37 -11.54
C ALA A 189 7.37 -6.70 -12.42
N PRO A 190 7.45 -5.36 -12.38
CA PRO A 190 8.51 -4.65 -13.07
C PRO A 190 9.91 -5.05 -12.61
N ARG A 191 10.90 -4.81 -13.46
CA ARG A 191 12.27 -5.24 -13.20
C ARG A 191 13.16 -4.04 -12.92
N LEU A 192 14.31 -4.27 -12.30
CA LEU A 192 15.25 -3.19 -11.95
C LEU A 192 15.79 -2.47 -13.19
N GLU A 193 15.91 -3.22 -14.29
CA GLU A 193 16.33 -2.67 -15.59
C GLU A 193 15.23 -1.84 -16.28
N SER A 194 13.97 -2.10 -15.95
CA SER A 194 12.83 -1.56 -16.71
C SER A 194 12.63 -0.06 -16.54
N PRO A 195 12.11 0.61 -17.59
CA PRO A 195 11.66 2.01 -17.49
C PRO A 195 10.52 2.20 -16.51
N GLU A 196 9.61 1.22 -16.47
CA GLU A 196 8.45 1.27 -15.58
C GLU A 196 8.84 1.37 -14.11
N LEU A 197 9.75 0.51 -13.68
CA LEU A 197 10.19 0.47 -12.29
C LEU A 197 10.91 1.77 -11.90
N THR A 198 11.70 2.31 -12.83
CA THR A 198 12.42 3.56 -12.59
C THR A 198 11.46 4.73 -12.34
N SER A 199 10.32 4.74 -13.04
CA SER A 199 9.30 5.76 -12.83
C SER A 199 8.53 5.53 -11.51
N GLU A 200 8.35 4.26 -11.14
CA GLU A 200 7.62 3.92 -9.92
C GLU A 200 8.39 4.27 -8.64
N ILE A 201 9.69 3.98 -8.63
CA ILE A 201 10.53 4.35 -7.48
C ILE A 201 10.68 5.87 -7.40
N ALA A 202 10.75 6.53 -8.56
CA ALA A 202 10.79 7.99 -8.62
C ALA A 202 9.49 8.60 -8.10
N GLU A 203 8.38 7.90 -8.35
CA GLU A 203 7.08 8.31 -7.84
C GLU A 203 7.02 8.19 -6.32
N VAL A 204 7.54 7.10 -5.79
CA VAL A 204 7.52 6.85 -4.34
C VAL A 204 8.49 7.79 -3.61
N TYR A 205 9.66 8.03 -4.20
CA TYR A 205 10.59 9.03 -3.68
C TYR A 205 9.93 10.40 -3.61
N SER A 206 9.26 10.80 -4.69
CA SER A 206 8.58 12.09 -4.77
C SER A 206 7.49 12.21 -3.70
N GLN A 207 6.69 11.16 -3.54
CA GLN A 207 5.63 11.14 -2.53
C GLN A 207 6.17 11.37 -1.11
N ALA A 208 7.34 10.79 -0.82
CA ALA A 208 8.00 10.98 0.47
C ALA A 208 8.36 12.44 0.71
N LEU A 209 8.80 13.12 -0.34
CA LEU A 209 9.18 14.52 -0.26
C LEU A 209 7.94 15.44 -0.30
N LEU A 210 6.86 14.97 -0.92
CA LEU A 210 5.57 15.69 -0.92
C LEU A 210 4.64 15.22 0.20
N ARG A 211 5.16 14.47 1.17
CA ARG A 211 4.32 13.80 2.18
C ARG A 211 3.51 14.76 3.06
N ASP A 212 3.97 16.00 3.21
CA ASP A 212 3.26 17.01 4.02
C ASP A 212 2.57 18.08 3.18
N ILE A 213 2.39 17.82 1.88
CA ILE A 213 1.70 18.76 1.00
C ILE A 213 0.21 18.73 1.35
N HIS A 214 -0.46 19.86 1.19
CA HIS A 214 -1.89 19.94 1.45
C HIS A 214 -2.65 19.33 0.29
N PHE A 215 -3.68 18.55 0.59
CA PHE A 215 -4.40 17.78 -0.45
C PHE A 215 -5.10 18.64 -1.51
N SER A 216 -5.30 19.92 -1.22
CA SER A 216 -5.81 20.87 -2.23
C SER A 216 -4.87 20.98 -3.43
N GLN A 217 -3.58 20.76 -3.20
CA GLN A 217 -2.57 20.85 -4.24
C GLN A 217 -2.67 19.72 -5.27
N LEU A 218 -3.21 18.58 -4.86
CA LEU A 218 -3.29 17.40 -5.74
C LEU A 218 -4.55 17.42 -6.62
N ARG A 219 -4.76 18.53 -7.31
CA ARG A 219 -5.81 18.66 -8.30
C ARG A 219 -5.50 19.88 -9.18
N ASP A 220 -6.36 20.13 -10.17
CA ASP A 220 -6.18 21.30 -11.03
C ASP A 220 -6.61 22.56 -10.29
N PRO A 221 -5.83 23.66 -10.39
CA PRO A 221 -6.23 24.93 -9.76
C PRO A 221 -7.55 25.51 -10.27
N GLY A 222 -7.98 25.10 -11.47
CA GLY A 222 -9.26 25.54 -12.03
C GLY A 222 -10.48 25.15 -11.22
N LEU A 223 -10.36 24.09 -10.41
CA LEU A 223 -11.46 23.62 -9.56
C LEU A 223 -11.75 24.54 -8.37
N GLY A 224 -10.71 25.23 -7.88
CA GLY A 224 -10.88 26.14 -6.74
C GLY A 224 -9.56 26.60 -6.14
N ASP A 225 -9.65 27.45 -5.12
CA ASP A 225 -8.47 27.96 -4.43
C ASP A 225 -7.74 26.85 -3.69
N GLN A 226 -6.42 26.86 -3.76
CA GLN A 226 -5.58 25.88 -3.08
C GLN A 226 -4.82 26.55 -1.95
N VAL A 227 -4.40 25.76 -0.97
CA VAL A 227 -3.70 26.28 0.20
C VAL A 227 -2.53 25.37 0.61
N ASN A 228 -1.70 25.86 1.53
CA ASN A 228 -0.59 25.11 2.08
C ASN A 228 -0.96 24.62 3.48
N ALA A 229 -0.25 23.60 3.96
CA ALA A 229 -0.45 23.10 5.32
C ALA A 229 -0.02 24.17 6.32
N CYS A 230 -0.79 24.30 7.41
CA CYS A 230 -0.48 25.27 8.46
C CYS A 230 0.95 25.13 8.97
N ASP A 231 1.40 23.88 9.12
CA ASP A 231 2.78 23.58 9.53
C ASP A 231 3.70 23.53 8.32
N SER A 232 4.35 24.66 8.01
CA SER A 232 5.28 24.74 6.90
C SER A 232 6.60 24.07 7.27
N CYS A 233 7.16 23.30 6.36
CA CYS A 233 8.42 22.59 6.59
C CYS A 233 9.38 22.75 5.43
N PRO A 234 10.69 22.50 5.70
CA PRO A 234 11.67 22.59 4.62
C PRO A 234 11.42 21.53 3.54
N THR A 235 10.68 21.92 2.50
CA THR A 235 10.38 21.03 1.38
C THR A 235 11.47 21.11 0.33
N GLN A 236 11.99 19.95 -0.08
CA GLN A 236 13.01 19.88 -1.12
C GLN A 236 12.36 19.87 -2.50
N LEU A 237 11.16 19.31 -2.57
CA LEU A 237 10.45 19.13 -3.84
C LEU A 237 9.09 19.83 -3.81
N SER A 238 8.67 20.34 -4.97
CA SER A 238 7.35 20.93 -5.13
C SER A 238 6.52 20.07 -6.07
N ILE A 239 5.24 20.38 -6.17
CA ILE A 239 4.29 19.58 -6.98
C ILE A 239 4.64 19.66 -8.47
N TYR A 240 5.06 20.84 -8.92
CA TYR A 240 5.39 21.06 -10.33
C TYR A 240 6.62 20.24 -10.73
N GLU A 241 7.62 20.24 -9.86
CA GLU A 241 8.88 19.51 -10.10
C GLU A 241 8.63 18.00 -10.19
N ALA A 242 7.76 17.49 -9.33
CA ALA A 242 7.39 16.07 -9.34
C ALA A 242 6.76 15.66 -10.68
N ILE A 243 5.92 16.53 -11.22
CA ILE A 243 5.31 16.29 -12.54
C ILE A 243 6.38 16.27 -13.63
N ASP A 244 7.34 17.19 -13.54
CA ASP A 244 8.48 17.22 -14.46
C ASP A 244 9.30 15.94 -14.38
N ILE A 245 9.76 15.62 -13.18
CA ILE A 245 10.62 14.45 -12.95
C ILE A 245 9.94 13.17 -13.46
N LEU A 246 8.68 12.97 -13.07
CA LEU A 246 7.94 11.77 -13.47
C LEU A 246 7.71 11.67 -14.98
N ASN A 247 7.67 12.81 -15.67
CA ASN A 247 7.48 12.84 -17.11
C ASN A 247 8.78 12.68 -17.92
N THR A 248 9.90 13.14 -17.38
CA THR A 248 11.19 13.10 -18.09
C THR A 248 12.15 12.00 -17.63
N VAL A 249 11.84 11.33 -16.53
CA VAL A 249 12.64 10.18 -16.07
C VAL A 249 12.60 9.09 -17.13
N GLN A 250 13.74 8.45 -17.40
CA GLN A 250 13.83 7.48 -18.50
C GLN A 250 15.00 6.50 -18.39
N ILE A 251 14.81 5.33 -19.00
CA ILE A 251 15.84 4.31 -19.13
C ILE A 251 16.03 4.00 -20.62
N GLU A 252 17.27 4.09 -21.08
CA GLU A 252 17.60 3.94 -22.51
C GLU A 252 16.74 4.85 -23.39
N GLY A 253 16.51 6.08 -22.93
CA GLY A 253 15.75 7.06 -23.69
C GLY A 253 14.27 6.76 -23.83
N GLN A 254 13.69 6.06 -22.85
CA GLN A 254 12.26 5.76 -22.86
C GLN A 254 11.61 6.06 -21.52
N ASN A 255 10.63 6.96 -21.54
CA ASN A 255 9.80 7.25 -20.38
C ASN A 255 8.60 6.29 -20.36
N TRP A 256 8.24 5.84 -19.16
CA TRP A 256 7.14 4.88 -18.99
C TRP A 256 5.81 5.43 -19.49
N PHE A 257 5.53 6.68 -19.13
CA PHE A 257 4.25 7.32 -19.49
C PHE A 257 4.19 7.71 -20.97
N SER A 258 5.35 7.96 -21.58
CA SER A 258 5.43 8.43 -22.96
C SER A 258 5.59 7.31 -24.00
N ALA A 259 5.88 6.09 -23.55
CA ALA A 259 6.13 4.97 -24.46
C ALA A 259 4.85 4.48 -25.14
N ASN A 260 4.91 4.26 -26.45
CA ASN A 260 3.75 3.76 -27.19
C ASN A 260 3.53 2.27 -26.97
N CYS A 261 2.41 1.75 -27.48
CA CYS A 261 1.98 0.39 -27.15
C CYS A 261 2.88 -0.72 -27.73
N CYS A 262 3.51 -0.45 -28.87
CA CYS A 262 4.33 -1.46 -29.57
C CYS A 262 5.52 -1.96 -28.75
N ASP A 263 6.09 -1.10 -27.90
CA ASP A 263 7.25 -1.45 -27.09
C ASP A 263 6.89 -2.12 -25.77
N LEU A 264 5.59 -2.22 -25.46
CA LEU A 264 5.13 -2.77 -24.19
C LEU A 264 4.40 -4.10 -24.40
N THR A 265 4.59 -5.02 -23.45
CA THR A 265 3.87 -6.29 -23.45
C THR A 265 2.41 -6.08 -23.07
N ASP A 266 1.56 -7.06 -23.36
CA ASP A 266 0.12 -6.94 -23.11
C ASP A 266 -0.21 -6.65 -21.64
N ASP A 267 0.56 -7.24 -20.74
CA ASP A 267 0.44 -6.95 -19.31
C ASP A 267 0.72 -5.47 -19.04
N GLU A 268 1.80 -4.98 -19.65
CA GLU A 268 2.27 -3.60 -19.45
C GLU A 268 1.35 -2.57 -20.10
N GLN A 269 0.75 -2.91 -21.25
CA GLN A 269 -0.19 -2.02 -21.93
C GLN A 269 -1.42 -1.73 -21.08
N ALA A 270 -1.89 -2.74 -20.35
CA ALA A 270 -3.09 -2.62 -19.52
C ALA A 270 -2.90 -1.62 -18.38
N ARG A 271 -1.77 -1.70 -17.69
CA ARG A 271 -1.49 -0.84 -16.54
C ARG A 271 -0.69 0.42 -16.88
N GLN A 272 -0.49 0.68 -18.18
CA GLN A 272 0.20 1.89 -18.63
C GLN A 272 -0.64 3.11 -18.32
N ARG A 273 0.02 4.20 -17.93
CA ARG A 273 -0.66 5.45 -17.58
C ARG A 273 -0.36 6.55 -18.60
N PRO A 274 -1.20 7.60 -18.65
CA PRO A 274 -0.95 8.71 -19.57
C PRO A 274 0.08 9.71 -19.03
N LEU A 275 0.25 10.83 -19.73
CA LEU A 275 1.18 11.87 -19.33
C LEU A 275 0.75 12.43 -17.97
N VAL A 276 1.70 12.60 -17.05
CA VAL A 276 1.37 13.02 -15.68
C VAL A 276 0.96 14.49 -15.65
N THR A 277 -0.13 14.76 -14.94
CA THR A 277 -0.67 16.12 -14.79
C THR A 277 -1.06 16.35 -13.33
N ARG A 278 -1.39 17.60 -13.00
CA ARG A 278 -1.90 17.96 -11.68
C ARG A 278 -3.08 17.10 -11.25
N GLN A 279 -3.98 16.84 -12.21
CA GLN A 279 -5.23 16.14 -11.94
C GLN A 279 -5.03 14.63 -11.70
N ASN A 280 -4.10 14.02 -12.42
CA ASN A 280 -3.91 12.57 -12.35
C ASN A 280 -2.67 12.10 -11.56
N ILE A 281 -1.86 13.04 -11.06
CA ILE A 281 -0.63 12.69 -10.34
C ILE A 281 -0.95 11.96 -9.02
N PHE A 282 -0.26 10.84 -8.80
CA PHE A 282 -0.46 9.98 -7.62
C PHE A 282 -1.88 9.40 -7.50
N ARG A 283 -2.62 9.35 -8.60
CA ARG A 283 -3.99 8.83 -8.58
C ARG A 283 -4.12 7.49 -9.29
N GLY A 284 -5.18 6.76 -9.00
CA GLY A 284 -5.48 5.51 -9.67
C GLY A 284 -6.00 5.73 -11.08
N ILE A 285 -6.23 4.63 -11.80
CA ILE A 285 -6.67 4.71 -13.20
C ILE A 285 -8.03 4.04 -13.42
N ALA A 286 -8.80 3.85 -12.35
CA ALA A 286 -10.17 3.36 -12.45
C ALA A 286 -11.09 4.54 -12.77
N PRO A 287 -12.31 4.25 -13.29
CA PRO A 287 -13.28 5.31 -13.56
C PRO A 287 -13.62 6.15 -12.32
N GLY A 288 -13.53 7.47 -12.47
CA GLY A 288 -13.87 8.40 -11.39
C GLY A 288 -12.70 8.93 -10.58
N ASP A 289 -11.54 8.29 -10.68
CA ASP A 289 -10.35 8.70 -9.94
C ASP A 289 -9.90 10.11 -10.34
N ASP A 290 -9.94 10.41 -11.64
CA ASP A 290 -9.51 11.71 -12.15
C ASP A 290 -10.47 12.86 -11.81
N VAL A 291 -11.72 12.53 -11.47
CA VAL A 291 -12.74 13.54 -11.23
C VAL A 291 -12.59 14.14 -9.84
N GLY A 292 -12.58 15.48 -9.77
CA GLY A 292 -12.64 16.19 -8.49
C GLY A 292 -11.40 16.08 -7.63
N PRO A 293 -11.55 16.32 -6.31
CA PRO A 293 -10.46 16.27 -5.33
C PRO A 293 -9.76 14.92 -5.24
N TYR A 294 -8.55 14.92 -4.68
CA TYR A 294 -7.75 13.70 -4.55
C TYR A 294 -8.39 12.71 -3.58
N LEU A 295 -8.81 13.20 -2.42
CA LEU A 295 -9.44 12.34 -1.43
C LEU A 295 -10.89 12.07 -1.79
N SER A 296 -11.31 10.84 -1.57
CA SER A 296 -12.70 10.44 -1.73
C SER A 296 -13.55 11.13 -0.67
N GLN A 297 -14.77 11.51 -1.06
CA GLN A 297 -15.75 12.07 -0.11
C GLN A 297 -15.92 11.19 1.13
N PHE A 298 -15.88 9.87 0.95
CA PHE A 298 -16.12 8.93 2.03
C PHE A 298 -15.05 8.91 3.14
N LEU A 299 -13.90 9.52 2.89
CA LEU A 299 -12.87 9.69 3.92
C LEU A 299 -12.99 11.04 4.66
N LEU A 300 -13.89 11.90 4.18
CA LEU A 300 -14.05 13.24 4.73
C LEU A 300 -15.44 13.43 5.35
N ILE A 301 -16.49 13.28 4.54
CA ILE A 301 -17.86 13.58 4.98
C ILE A 301 -18.42 12.52 5.93
N GLY A 302 -19.52 12.88 6.58
CA GLY A 302 -20.31 11.95 7.37
C GLY A 302 -21.76 12.00 6.92
N ASN A 303 -22.67 11.70 7.83
CA ASN A 303 -24.10 11.79 7.58
C ASN A 303 -24.69 12.97 8.33
N ASN A 304 -25.93 13.33 8.00
CA ASN A 304 -26.70 14.25 8.84
C ASN A 304 -26.97 13.54 10.17
N ALA A 305 -27.12 14.31 11.23
CA ALA A 305 -27.41 13.73 12.54
C ALA A 305 -28.75 12.98 12.48
N LEU A 306 -28.82 11.85 13.18
CA LEU A 306 -30.04 11.04 13.24
C LEU A 306 -31.21 11.89 13.76
N GLY A 307 -32.38 11.73 13.15
CA GLY A 307 -33.53 12.57 13.45
C GLY A 307 -33.30 13.98 12.94
N GLY A 308 -33.79 14.98 13.67
CA GLY A 308 -33.54 16.38 13.34
C GLY A 308 -32.06 16.70 13.46
N GLY A 309 -31.53 17.43 12.47
CA GLY A 309 -30.09 17.67 12.39
C GLY A 309 -29.56 18.67 13.40
N VAL A 310 -28.50 18.28 14.11
CA VAL A 310 -27.69 19.22 14.89
C VAL A 310 -26.46 19.63 14.07
N PHE A 311 -26.07 18.76 13.13
CA PHE A 311 -24.99 19.05 12.17
C PHE A 311 -25.36 18.50 10.80
N GLY A 312 -24.50 18.75 9.82
CA GLY A 312 -24.68 18.24 8.46
C GLY A 312 -23.63 17.22 8.08
N GLN A 313 -23.54 16.92 6.79
CA GLN A 313 -22.55 15.96 6.28
C GLN A 313 -21.14 16.54 6.33
N GLU A 314 -21.04 17.87 6.38
CA GLU A 314 -19.75 18.56 6.47
C GLU A 314 -19.01 18.32 7.78
N ALA A 315 -19.75 17.96 8.83
CA ALA A 315 -19.17 17.75 10.16
C ALA A 315 -18.21 16.56 10.23
N GLY A 316 -18.49 15.52 9.46
CA GLY A 316 -17.66 14.31 9.43
C GLY A 316 -18.04 13.31 10.51
N HIS A 317 -19.34 13.22 10.79
CA HIS A 317 -19.88 12.20 11.69
C HIS A 317 -20.69 11.20 10.88
N ILE A 318 -20.19 9.98 10.75
CA ILE A 318 -20.91 8.93 10.02
C ILE A 318 -22.03 8.39 10.91
N GLY A 319 -23.21 8.22 10.33
CA GLY A 319 -24.37 7.68 11.04
C GLY A 319 -24.22 6.19 11.24
N TYR A 320 -23.40 5.82 12.21
CA TYR A 320 -23.12 4.41 12.52
C TYR A 320 -24.13 3.94 13.55
N GLY A 321 -25.30 3.54 13.07
CA GLY A 321 -26.41 3.19 13.95
C GLY A 321 -26.98 4.43 14.60
N ALA A 322 -27.12 4.41 15.92
CA ALA A 322 -27.57 5.57 16.68
C ALA A 322 -26.39 6.32 17.31
N ILE A 323 -25.18 5.78 17.15
CA ILE A 323 -23.94 6.48 17.53
C ILE A 323 -23.30 7.05 16.26
N ARG A 324 -21.99 7.32 16.29
CA ARG A 324 -21.32 7.90 15.12
C ARG A 324 -19.82 7.59 15.06
N ILE A 325 -19.24 7.80 13.88
CA ILE A 325 -17.80 7.60 13.65
C ILE A 325 -17.14 8.93 13.29
N ASP A 326 -16.11 9.29 14.06
CA ASP A 326 -15.35 10.50 13.83
C ASP A 326 -14.45 10.30 12.61
N GLN A 327 -14.54 11.20 11.63
CA GLN A 327 -13.74 11.10 10.41
C GLN A 327 -12.42 11.88 10.50
N ARG A 328 -11.94 12.09 11.72
CA ARG A 328 -10.68 12.78 11.97
C ARG A 328 -9.61 11.76 12.38
N VAL A 329 -8.56 11.67 11.58
CA VAL A 329 -7.44 10.77 11.85
C VAL A 329 -6.47 11.41 12.84
N ARG A 330 -5.73 10.59 13.56
CA ARG A 330 -4.77 11.08 14.55
C ARG A 330 -3.56 11.69 13.84
N LYS A 331 -3.15 12.88 14.28
CA LYS A 331 -2.11 13.66 13.62
C LYS A 331 -0.72 13.25 14.07
N ALA A 332 0.03 12.60 13.18
CA ALA A 332 1.45 12.32 13.42
C ALA A 332 2.23 13.61 13.26
N THR A 333 3.25 13.81 14.09
CA THR A 333 4.08 15.01 14.02
C THR A 333 4.51 15.25 12.57
N PRO A 334 4.16 16.41 12.01
CA PRO A 334 4.52 16.69 10.62
C PRO A 334 6.04 16.68 10.39
N CYS A 335 6.43 16.17 9.22
CA CYS A 335 7.80 16.30 8.72
C CYS A 335 8.83 15.48 9.50
N LYS A 336 8.38 14.42 10.17
CA LYS A 336 9.28 13.51 10.86
C LYS A 336 9.24 12.15 10.17
N ASP A 337 10.24 11.92 9.31
CA ASP A 337 10.38 10.65 8.60
C ASP A 337 11.34 9.73 9.36
N PHE A 338 11.47 8.49 8.90
CA PHE A 338 12.32 7.49 9.55
C PHE A 338 13.17 6.74 8.53
N MET A 339 14.13 5.98 9.04
CA MET A 339 15.04 5.20 8.20
C MET A 339 15.75 6.06 7.15
N THR A 340 16.23 7.22 7.58
CA THR A 340 16.88 8.19 6.69
C THR A 340 18.41 8.04 6.64
N ASN A 341 18.96 7.19 7.50
CA ASN A 341 20.39 6.85 7.45
C ASN A 341 20.61 5.35 7.37
N PHE A 342 21.86 4.94 7.29
CA PHE A 342 22.22 3.52 7.17
C PHE A 342 21.90 2.73 8.43
N GLU A 343 22.25 3.28 9.59
CA GLU A 343 22.04 2.57 10.86
C GLU A 343 20.57 2.22 11.08
N THR A 344 19.69 3.21 10.93
CA THR A 344 18.25 3.02 11.16
C THR A 344 17.65 2.04 10.15
N TRP A 345 17.97 2.25 8.87
CA TRP A 345 17.51 1.38 7.80
C TRP A 345 17.93 -0.06 8.05
N LEU A 346 19.21 -0.26 8.32
CA LEU A 346 19.79 -1.59 8.55
C LEU A 346 19.07 -2.39 9.64
N ASP A 347 18.79 -1.73 10.77
CA ASP A 347 18.15 -2.39 11.91
C ASP A 347 16.74 -2.85 11.58
N VAL A 348 15.99 -2.00 10.89
CA VAL A 348 14.65 -2.35 10.42
C VAL A 348 14.71 -3.53 9.46
N GLN A 349 15.72 -3.53 8.57
CA GLN A 349 15.94 -4.64 7.64
C GLN A 349 16.36 -5.93 8.37
N ASN A 350 16.94 -5.77 9.56
CA ASN A 350 17.23 -6.91 10.45
C ASN A 350 16.09 -7.15 11.45
N GLY A 351 14.86 -6.78 11.09
CA GLY A 351 13.68 -7.09 11.88
C GLY A 351 13.59 -6.45 13.25
N ALA A 352 14.11 -5.23 13.38
CA ALA A 352 13.99 -4.48 14.63
C ALA A 352 12.54 -4.03 14.79
N ASP A 353 11.92 -4.37 15.92
CA ASP A 353 10.53 -4.00 16.17
C ASP A 353 10.46 -2.58 16.72
N LEU A 354 10.13 -1.64 15.84
CA LEU A 354 10.06 -0.22 16.18
C LEU A 354 8.64 0.32 16.02
N ARG A 355 7.64 -0.55 16.19
CA ARG A 355 6.25 -0.13 16.10
C ARG A 355 5.89 0.73 17.31
N GLY A 356 5.08 1.76 17.07
CA GLY A 356 4.60 2.63 18.15
C GLY A 356 5.62 3.64 18.66
N LEU A 357 6.67 3.88 17.88
CA LEU A 357 7.69 4.87 18.23
C LEU A 357 7.50 6.18 17.47
N GLU A 358 6.38 6.30 16.76
CA GLU A 358 6.03 7.55 16.08
C GLU A 358 5.51 8.51 17.13
N THR A 359 5.72 9.80 16.92
CA THR A 359 5.20 10.82 17.82
C THR A 359 4.00 11.50 17.18
N TYR A 360 3.02 11.85 18.00
CA TYR A 360 1.79 12.50 17.53
C TYR A 360 1.58 13.82 18.26
N VAL A 361 0.83 14.72 17.63
CA VAL A 361 0.64 16.08 18.14
C VAL A 361 -0.35 16.09 19.31
N ASP A 362 -0.06 16.92 20.33
CA ASP A 362 -0.95 17.05 21.48
C ASP A 362 -2.21 17.85 21.12
N ALA A 363 -3.23 17.71 21.95
CA ALA A 363 -4.49 18.42 21.77
C ALA A 363 -4.39 19.86 22.29
N ASP A 364 -5.22 20.74 21.74
CA ASP A 364 -5.33 22.12 22.19
C ASP A 364 -6.44 22.18 23.25
N PRO A 365 -6.09 22.56 24.51
CA PRO A 365 -7.08 22.58 25.59
C PRO A 365 -8.35 23.39 25.28
N GLY A 366 -8.20 24.54 24.64
CA GLY A 366 -9.32 25.41 24.31
C GLY A 366 -10.29 24.81 23.31
N LYS A 367 -9.75 24.08 22.33
CA LYS A 367 -10.57 23.54 21.23
C LYS A 367 -11.30 22.25 21.62
N CYS A 368 -12.46 22.03 20.99
CA CYS A 368 -13.22 20.79 21.15
C CYS A 368 -12.67 19.70 20.25
N ARG A 369 -13.15 18.49 20.46
CA ARG A 369 -12.91 17.37 19.54
C ARG A 369 -11.44 16.95 19.46
N GLU A 370 -10.70 17.17 20.55
CA GLU A 370 -9.27 16.83 20.63
C GLU A 370 -8.44 17.39 19.46
N PHE A 371 -8.82 18.56 18.95
CA PHE A 371 -8.06 19.23 17.90
C PHE A 371 -6.84 19.90 18.54
N PRO A 372 -5.66 19.85 17.88
CA PRO A 372 -5.32 19.22 16.60
C PRO A 372 -4.78 17.79 16.74
N ALA A 373 -4.92 17.18 17.93
CA ALA A 373 -4.49 15.79 18.13
C ALA A 373 -5.24 14.86 17.17
N TYR A 374 -6.48 15.22 16.86
CA TYR A 374 -7.24 14.58 15.79
C TYR A 374 -7.73 15.65 14.81
N ARG A 375 -7.44 15.45 13.53
CA ARG A 375 -7.90 16.36 12.48
C ARG A 375 -8.33 15.58 11.24
N VAL A 376 -9.18 16.20 10.42
CA VAL A 376 -9.56 15.63 9.12
C VAL A 376 -8.30 15.38 8.30
N ILE A 377 -8.29 14.27 7.56
CA ILE A 377 -7.13 13.90 6.75
C ILE A 377 -6.74 15.06 5.85
N THR A 378 -5.66 15.75 6.21
CA THR A 378 -5.25 16.99 5.56
C THR A 378 -4.08 16.83 4.59
N THR A 379 -3.10 16.02 4.99
CA THR A 379 -1.90 15.77 4.17
C THR A 379 -1.72 14.26 3.98
N PRO A 380 -0.92 13.85 2.97
CA PRO A 380 -0.62 12.42 2.79
C PRO A 380 -0.10 11.71 4.04
N ARG A 381 0.60 12.45 4.90
CA ARG A 381 1.00 11.97 6.23
C ARG A 381 -0.21 11.44 7.01
N ASP A 382 -1.31 12.20 6.95
CA ASP A 382 -2.55 11.82 7.64
C ASP A 382 -3.19 10.58 7.02
N LEU A 383 -3.10 10.47 5.69
CA LEU A 383 -3.57 9.27 4.99
C LEU A 383 -2.64 8.09 5.25
N ALA A 384 -1.34 8.36 5.33
CA ALA A 384 -0.35 7.35 5.69
C ALA A 384 -0.59 6.84 7.11
N THR A 385 -1.00 7.74 8.01
CA THR A 385 -1.37 7.37 9.37
C THR A 385 -2.65 6.53 9.39
N TYR A 386 -3.62 6.92 8.57
CA TYR A 386 -4.89 6.19 8.46
C TYR A 386 -4.63 4.73 8.13
N VAL A 387 -3.91 4.50 7.03
CA VAL A 387 -3.63 3.15 6.55
C VAL A 387 -2.57 2.40 7.38
N HIS A 388 -1.93 3.11 8.32
CA HIS A 388 -0.99 2.47 9.25
C HIS A 388 -1.74 1.52 10.20
N TYR A 389 -2.90 1.96 10.69
CA TYR A 389 -3.64 1.21 11.71
C TYR A 389 -5.07 0.81 11.31
N ASP A 390 -5.49 1.12 10.08
CA ASP A 390 -6.86 0.80 9.65
C ASP A 390 -7.16 -0.69 9.72
N ALA A 391 -8.40 -1.04 10.04
CA ALA A 391 -8.81 -2.44 10.18
C ALA A 391 -9.32 -2.98 8.85
N LEU A 392 -8.39 -3.42 8.00
CA LEU A 392 -8.68 -4.00 6.68
C LEU A 392 -9.84 -3.34 5.92
N TYR A 393 -11.07 -3.67 6.30
CA TYR A 393 -12.26 -3.21 5.59
C TYR A 393 -12.86 -1.89 6.10
N GLU A 394 -12.20 -1.26 7.07
CA GLU A 394 -12.74 -0.07 7.74
C GLU A 394 -13.24 1.00 6.76
N ALA A 395 -12.36 1.46 5.88
CA ALA A 395 -12.68 2.51 4.91
C ALA A 395 -13.88 2.17 4.03
N TYR A 396 -14.01 0.88 3.71
CA TYR A 396 -15.05 0.42 2.77
C TYR A 396 -16.35 0.08 3.51
N LEU A 397 -16.25 -0.29 4.79
CA LEU A 397 -17.42 -0.41 5.66
C LEU A 397 -18.00 0.98 5.96
N ASN A 398 -17.11 1.92 6.29
CA ASN A 398 -17.51 3.29 6.58
C ASN A 398 -18.21 3.94 5.38
N ALA A 399 -17.68 3.67 4.18
CA ALA A 399 -18.32 4.12 2.94
C ALA A 399 -19.71 3.53 2.79
N CYS A 400 -19.85 2.24 3.10
CA CYS A 400 -21.14 1.57 3.05
C CYS A 400 -22.14 2.27 3.98
N LEU A 401 -21.70 2.58 5.19
CA LEU A 401 -22.55 3.24 6.18
C LEU A 401 -22.98 4.65 5.73
N ILE A 402 -22.05 5.39 5.15
CA ILE A 402 -22.33 6.73 4.61
C ILE A 402 -23.39 6.66 3.52
N LEU A 403 -23.21 5.72 2.57
CA LEU A 403 -24.17 5.53 1.48
C LEU A 403 -25.56 5.12 2.01
N LEU A 404 -25.58 4.20 2.98
CA LEU A 404 -26.83 3.78 3.61
C LEU A 404 -27.54 4.94 4.31
N GLY A 405 -26.77 5.76 5.03
CA GLY A 405 -27.32 6.94 5.71
C GLY A 405 -27.83 8.01 4.75
N MET A 406 -27.18 8.13 3.59
CA MET A 406 -27.60 9.08 2.56
C MET A 406 -28.88 8.62 1.85
N GLY A 407 -29.24 7.35 2.00
CA GLY A 407 -30.40 6.79 1.32
C GLY A 407 -30.06 6.37 -0.09
N ALA A 408 -28.83 5.89 -0.28
CA ALA A 408 -28.37 5.45 -1.60
C ALA A 408 -29.15 4.21 -2.04
N PRO A 409 -29.62 4.19 -3.29
CA PRO A 409 -30.43 3.07 -3.76
C PRO A 409 -29.59 1.86 -4.15
N PHE A 410 -30.17 0.67 -4.05
CA PHE A 410 -29.49 -0.57 -4.41
C PHE A 410 -29.66 -0.84 -5.91
N ASP A 411 -28.96 -1.87 -6.40
CA ASP A 411 -29.04 -2.26 -7.81
C ASP A 411 -30.49 -2.59 -8.18
N PRO A 412 -31.06 -1.90 -9.18
CA PRO A 412 -32.43 -2.15 -9.64
C PRO A 412 -32.72 -3.61 -10.03
N GLY A 413 -31.71 -4.32 -10.52
CA GLY A 413 -31.86 -5.74 -10.89
C GLY A 413 -32.07 -6.66 -9.70
N ILE A 414 -31.63 -6.25 -8.52
CA ILE A 414 -31.78 -7.02 -7.30
C ILE A 414 -33.16 -6.74 -6.70
N PRO A 415 -33.90 -7.80 -6.29
CA PRO A 415 -35.28 -7.62 -5.82
C PRO A 415 -35.38 -7.04 -4.40
N PHE A 416 -35.37 -5.72 -4.29
CA PHE A 416 -35.45 -5.01 -3.01
C PHE A 416 -36.64 -4.05 -3.05
N GLY A 432 -31.82 -6.38 2.64
CA GLY A 432 -31.56 -5.00 3.01
C GLY A 432 -30.08 -4.68 3.08
N GLY A 433 -29.74 -3.76 3.97
CA GLY A 433 -28.35 -3.46 4.31
C GLY A 433 -27.58 -4.62 4.93
N PRO A 434 -28.26 -5.45 5.76
CA PRO A 434 -27.61 -6.62 6.37
C PRO A 434 -26.74 -7.47 5.44
N GLN A 435 -27.18 -7.69 4.21
CA GLN A 435 -26.38 -8.46 3.25
C GLN A 435 -25.10 -7.71 2.87
N ILE A 436 -25.25 -6.50 2.34
CA ILE A 436 -24.09 -5.71 1.89
C ILE A 436 -23.13 -5.36 3.03
N LEU A 437 -23.67 -5.07 4.22
CA LEU A 437 -22.83 -4.75 5.39
C LEU A 437 -21.92 -5.91 5.79
N THR A 438 -22.45 -7.13 5.71
CA THR A 438 -21.67 -8.34 6.00
C THR A 438 -20.81 -8.72 4.79
N LEU A 439 -21.38 -8.59 3.60
CA LEU A 439 -20.74 -9.06 2.36
C LEU A 439 -19.49 -8.27 1.99
N VAL A 440 -19.44 -7.00 2.40
CA VAL A 440 -18.22 -6.18 2.20
C VAL A 440 -17.07 -6.65 3.09
N CYS A 441 -17.41 -7.17 4.27
CA CYS A 441 -16.42 -7.73 5.19
C CYS A 441 -15.96 -9.11 4.70
N GLU A 442 -16.92 -9.96 4.32
CA GLU A 442 -16.63 -11.33 3.86
C GLU A 442 -15.48 -11.43 2.87
N ALA A 443 -15.45 -10.52 1.89
CA ALA A 443 -14.47 -10.58 0.81
C ALA A 443 -13.02 -10.33 1.26
N ALA A 444 -12.85 -9.59 2.36
CA ALA A 444 -11.53 -9.15 2.81
C ALA A 444 -10.54 -10.30 3.06
N THR A 445 -10.98 -11.30 3.83
CA THR A 445 -10.10 -12.41 4.18
C THR A 445 -9.75 -13.27 2.97
N ARG A 446 -10.70 -13.44 2.06
CA ARG A 446 -10.49 -14.21 0.83
C ARG A 446 -9.44 -13.53 -0.04
N GLY A 447 -9.46 -12.21 -0.05
CA GLY A 447 -8.44 -11.42 -0.75
C GLY A 447 -7.06 -11.61 -0.15
N LEU A 448 -6.98 -11.58 1.17
CA LEU A 448 -5.70 -11.73 1.88
C LEU A 448 -5.03 -13.07 1.62
N LYS A 449 -5.83 -14.14 1.55
CA LYS A 449 -5.27 -15.47 1.31
C LYS A 449 -4.69 -15.55 -0.11
N ALA A 450 -5.42 -15.00 -1.09
CA ALA A 450 -4.97 -14.98 -2.47
C ALA A 450 -3.67 -14.19 -2.64
N VAL A 451 -3.59 -13.03 -2.00
CA VAL A 451 -2.45 -12.13 -2.15
C VAL A 451 -1.22 -12.61 -1.34
N ARG A 452 -1.46 -13.30 -0.23
CA ARG A 452 -0.37 -13.88 0.58
C ARG A 452 0.41 -14.90 -0.22
N PHE A 453 -0.30 -15.69 -1.02
CA PHE A 453 0.32 -16.64 -1.94
C PHE A 453 1.18 -15.91 -2.96
N GLN A 454 0.67 -14.80 -3.49
CA GLN A 454 1.40 -13.98 -4.45
C GLN A 454 2.62 -13.30 -3.82
N LYS A 455 2.46 -12.85 -2.58
CA LYS A 455 3.56 -12.24 -1.82
C LYS A 455 4.72 -13.21 -1.61
N PHE A 456 4.44 -14.26 -0.84
CA PHE A 456 5.47 -15.18 -0.35
C PHE A 456 5.83 -16.28 -1.33
N ASN A 457 4.82 -16.91 -1.94
CA ASN A 457 5.05 -18.10 -2.76
C ASN A 457 5.47 -17.81 -4.20
N VAL A 458 4.85 -16.82 -4.83
CA VAL A 458 5.08 -16.56 -6.26
C VAL A 458 6.24 -15.58 -6.51
N HIS A 459 6.03 -14.31 -6.15
CA HIS A 459 6.91 -13.24 -6.63
C HIS A 459 8.05 -12.88 -5.68
N ARG A 460 7.73 -12.60 -4.42
CA ARG A 460 8.72 -12.18 -3.43
C ARG A 460 9.49 -10.93 -3.89
N ARG A 461 8.75 -9.89 -4.25
CA ARG A 461 9.35 -8.62 -4.67
C ARG A 461 9.85 -7.84 -3.45
N LEU A 462 10.99 -7.17 -3.62
CA LEU A 462 11.56 -6.30 -2.57
C LEU A 462 10.65 -5.10 -2.31
N ARG A 463 10.64 -4.62 -1.07
CA ARG A 463 9.90 -3.41 -0.72
C ARG A 463 10.65 -2.16 -1.20
N PRO A 464 9.92 -1.05 -1.42
CA PRO A 464 10.57 0.21 -1.82
C PRO A 464 11.72 0.66 -0.91
N GLU A 465 11.65 0.33 0.38
CA GLU A 465 12.77 0.57 1.31
C GLU A 465 14.03 -0.14 0.82
N ALA A 466 13.89 -1.43 0.54
CA ALA A 466 15.01 -2.26 0.09
C ALA A 466 15.63 -1.69 -1.17
N LEU A 467 14.79 -1.22 -2.10
CA LEU A 467 15.27 -0.58 -3.32
C LEU A 467 16.00 0.71 -2.99
N GLY A 468 15.40 1.51 -2.10
CA GLY A 468 16.03 2.74 -1.62
C GLY A 468 17.39 2.47 -1.01
N GLY A 469 17.53 1.32 -0.35
CA GLY A 469 18.80 0.87 0.19
C GLY A 469 19.81 0.58 -0.91
N LEU A 470 19.41 -0.21 -1.89
CA LEU A 470 20.28 -0.53 -3.03
C LEU A 470 20.85 0.72 -3.68
N VAL A 471 20.03 1.77 -3.78
CA VAL A 471 20.46 3.05 -4.35
C VAL A 471 21.60 3.63 -3.51
N ASP A 472 21.37 3.75 -2.20
CA ASP A 472 22.38 4.25 -1.28
C ASP A 472 23.62 3.38 -1.31
N ARG A 473 23.41 2.08 -1.11
CA ARG A 473 24.51 1.12 -1.06
C ARG A 473 25.33 1.11 -2.35
N TYR A 474 24.66 1.28 -3.49
CA TYR A 474 25.34 1.40 -4.78
C TYR A 474 26.18 2.67 -4.84
N LYS A 475 25.62 3.78 -4.35
CA LYS A 475 26.28 5.08 -4.45
C LYS A 475 27.51 5.19 -3.53
N HIS A 476 27.61 4.30 -2.55
CA HIS A 476 28.77 4.24 -1.64
C HIS A 476 29.74 3.11 -2.03
N GLY A 477 29.64 2.63 -3.27
CA GLY A 477 30.56 1.62 -3.79
C GLY A 477 30.61 0.32 -3.00
N LYS A 478 29.49 -0.04 -2.37
CA LYS A 478 29.39 -1.28 -1.62
C LYS A 478 29.02 -2.41 -2.57
N GLY A 479 28.91 -3.63 -2.03
CA GLY A 479 28.56 -4.80 -2.82
C GLY A 479 29.78 -5.43 -3.46
N ALA A 480 29.85 -6.75 -3.43
CA ALA A 480 31.00 -7.49 -3.95
C ALA A 480 30.95 -7.56 -5.48
N GLY A 481 32.01 -7.09 -6.13
CA GLY A 481 32.19 -7.23 -7.58
C GLY A 481 31.08 -6.60 -8.40
N ASP A 482 30.23 -7.46 -8.98
CA ASP A 482 29.16 -7.02 -9.89
C ASP A 482 27.77 -7.15 -9.26
N GLU A 483 27.70 -7.05 -7.93
CA GLU A 483 26.47 -7.30 -7.19
C GLU A 483 25.37 -6.29 -7.50
N LEU A 484 25.72 -5.00 -7.46
CA LEU A 484 24.74 -3.92 -7.60
C LEU A 484 24.71 -3.30 -9.01
N LYS A 485 25.28 -4.00 -9.99
CA LYS A 485 25.24 -3.52 -11.38
C LYS A 485 23.82 -3.39 -11.93
N PRO A 486 22.90 -4.29 -11.53
CA PRO A 486 21.50 -4.17 -12.00
C PRO A 486 20.79 -2.86 -11.64
N VAL A 487 21.14 -2.24 -10.50
CA VAL A 487 20.53 -0.97 -10.10
C VAL A 487 21.32 0.26 -10.58
N ALA A 488 22.35 0.04 -11.40
CA ALA A 488 23.11 1.14 -11.98
C ALA A 488 22.19 1.99 -12.86
N ALA A 489 21.57 1.35 -13.85
CA ALA A 489 20.64 2.02 -14.77
C ALA A 489 19.58 2.84 -14.02
N LEU A 490 19.06 2.25 -12.94
CA LEU A 490 18.07 2.91 -12.10
C LEU A 490 18.58 4.24 -11.56
N VAL A 491 19.68 4.18 -10.79
CA VAL A 491 20.18 5.36 -10.08
C VAL A 491 20.71 6.46 -11.02
N GLU A 492 21.18 6.06 -12.19
CA GLU A 492 21.66 7.02 -13.19
C GLU A 492 20.49 7.86 -13.67
N ALA A 493 19.37 7.21 -13.95
CA ALA A 493 18.15 7.90 -14.37
C ALA A 493 17.58 8.79 -13.27
N LEU A 494 17.56 8.30 -12.04
CA LEU A 494 17.08 9.08 -10.89
C LEU A 494 18.01 10.26 -10.57
N GLU A 495 19.29 10.12 -10.90
CA GLU A 495 20.25 11.20 -10.71
C GLU A 495 20.15 12.22 -11.84
N ASN A 496 19.91 11.74 -13.07
CA ASN A 496 19.80 12.61 -14.25
C ASN A 496 18.58 13.53 -14.24
N VAL A 497 17.57 13.22 -13.43
CA VAL A 497 16.43 14.12 -13.22
C VAL A 497 16.58 14.94 -11.93
N GLY A 498 17.73 14.81 -11.26
CA GLY A 498 18.04 15.61 -10.08
C GLY A 498 17.27 15.25 -8.83
N LEU A 499 16.71 14.04 -8.80
CA LEU A 499 15.88 13.60 -7.68
C LEU A 499 16.73 13.12 -6.49
N LEU A 500 17.85 12.46 -6.77
CA LEU A 500 18.73 11.98 -5.69
C LEU A 500 19.36 13.15 -4.93
N SER A 501 19.62 14.25 -5.62
CA SER A 501 20.08 15.50 -4.99
C SER A 501 19.08 15.98 -3.95
N LYS A 502 17.80 15.81 -4.26
CA LYS A 502 16.71 16.22 -3.38
C LYS A 502 16.62 15.38 -2.11
N VAL A 503 16.71 14.06 -2.25
CA VAL A 503 16.51 13.16 -1.10
C VAL A 503 17.70 13.22 -0.14
N VAL A 504 18.89 13.45 -0.68
CA VAL A 504 20.08 13.65 0.15
C VAL A 504 19.92 14.96 0.93
N ALA A 505 19.39 15.98 0.25
CA ALA A 505 19.08 17.25 0.88
C ALA A 505 17.96 17.11 1.93
N HIS A 506 16.98 16.26 1.63
CA HIS A 506 15.90 15.97 2.58
C HIS A 506 16.44 15.25 3.80
N ASN A 507 17.26 14.22 3.56
CA ASN A 507 17.75 13.36 4.62
C ASN A 507 18.71 14.05 5.60
N GLN A 508 19.59 14.91 5.10
CA GLN A 508 20.52 15.63 5.98
C GLN A 508 19.77 16.49 7.01
N LEU A 509 18.66 17.08 6.59
CA LEU A 509 17.78 17.83 7.49
C LEU A 509 17.08 16.89 8.47
N GLN A 510 16.71 15.71 7.98
CA GLN A 510 16.03 14.70 8.81
C GLN A 510 16.97 14.11 9.86
N ASN A 511 18.25 14.02 9.52
CA ASN A 511 19.26 13.45 10.43
C ASN A 511 19.78 14.44 11.48
N GLN A 512 19.34 15.69 11.39
CA GLN A 512 19.65 16.69 12.44
C GLN A 512 18.85 16.45 13.72
N ASN A 513 17.79 15.65 13.64
CA ASN A 513 17.02 15.25 14.81
C ASN A 513 17.89 14.40 15.74
N LEU A 514 17.67 14.57 17.05
CA LEU A 514 18.59 14.02 18.06
C LEU A 514 18.47 12.50 18.24
N ASP A 515 17.35 11.93 17.81
CA ASP A 515 17.15 10.48 17.87
C ASP A 515 18.10 9.71 16.94
N ARG A 516 18.61 10.39 15.90
CA ARG A 516 19.52 9.76 14.94
C ARG A 516 20.78 10.56 14.60
N SER A 517 20.95 11.75 15.19
CA SER A 517 22.12 12.59 14.89
C SER A 517 23.43 11.93 15.33
N GLY A 518 23.37 11.14 16.40
CA GLY A 518 24.53 10.43 16.92
C GLY A 518 24.92 9.17 16.14
N ASP A 519 24.09 8.78 15.16
CA ASP A 519 24.41 7.64 14.30
C ASP A 519 25.54 8.03 13.34
N PRO A 520 26.57 7.14 13.20
CA PRO A 520 27.72 7.39 12.33
C PRO A 520 27.41 7.90 10.92
N SER A 521 26.40 7.32 10.28
CA SER A 521 26.08 7.62 8.89
C SER A 521 25.36 8.95 8.67
N SER A 522 24.93 9.59 9.76
CA SER A 522 24.21 10.86 9.67
C SER A 522 25.05 12.00 9.08
N ALA A 523 26.37 11.93 9.28
CA ALA A 523 27.29 12.94 8.76
C ALA A 523 27.37 12.92 7.23
N GLY A 524 27.57 11.74 6.66
CA GLY A 524 27.69 11.56 5.21
C GLY A 524 26.36 11.63 4.47
N ASP A 525 26.41 11.49 3.15
CA ASP A 525 25.21 11.57 2.32
C ASP A 525 24.38 10.28 2.41
N ASN A 526 23.06 10.44 2.41
CA ASN A 526 22.13 9.31 2.48
C ASN A 526 21.08 9.37 1.37
N TYR A 527 20.98 8.30 0.58
CA TYR A 527 20.04 8.24 -0.54
C TYR A 527 18.85 7.33 -0.22
N PHE A 528 18.65 7.01 1.05
CA PHE A 528 17.57 6.13 1.48
C PHE A 528 16.21 6.80 1.28
N LEU A 529 15.18 5.98 1.17
CA LEU A 529 13.82 6.47 1.03
C LEU A 529 13.28 6.89 2.40
N PRO A 530 12.92 8.18 2.57
CA PRO A 530 12.28 8.60 3.82
C PRO A 530 11.02 7.80 4.10
N MET A 531 10.89 7.26 5.32
CA MET A 531 9.76 6.41 5.68
C MET A 531 8.84 7.08 6.69
N ALA A 532 7.54 6.90 6.50
CA ALA A 532 6.53 7.46 7.39
C ALA A 532 6.52 6.73 8.74
N PHE A 533 6.77 5.43 8.71
CA PHE A 533 6.75 4.60 9.91
C PHE A 533 8.18 4.26 10.36
N PRO A 534 8.42 4.16 11.67
CA PRO A 534 9.73 3.76 12.18
C PRO A 534 10.10 2.33 11.80
N GLU A 535 9.13 1.42 11.90
CA GLU A 535 9.31 0.01 11.54
C GLU A 535 9.35 -0.19 10.02
N GLY A 536 8.89 0.82 9.28
CA GLY A 536 8.84 0.73 7.83
C GLY A 536 7.70 -0.17 7.39
N SER A 537 7.96 -1.00 6.39
CA SER A 537 6.95 -1.91 5.85
C SER A 537 6.67 -3.07 6.80
N PRO A 538 5.49 -3.69 6.64
CA PRO A 538 5.20 -4.97 7.29
C PRO A 538 6.23 -6.04 6.94
N MET A 539 6.23 -7.14 7.71
CA MET A 539 7.19 -8.23 7.49
C MET A 539 6.69 -9.21 6.44
N HIS A 540 6.38 -8.71 5.24
CA HIS A 540 6.06 -9.57 4.10
C HIS A 540 6.34 -8.86 2.76
N PRO A 541 6.59 -9.65 1.70
CA PRO A 541 6.95 -9.12 0.37
C PRO A 541 6.04 -8.04 -0.20
N SER A 542 6.58 -7.27 -1.15
CA SER A 542 5.92 -6.08 -1.67
C SER A 542 4.83 -6.36 -2.70
N TYR A 543 5.10 -7.26 -3.64
CA TYR A 543 4.18 -7.44 -4.77
C TYR A 543 2.98 -8.28 -4.39
N GLY A 544 1.79 -7.72 -4.67
CA GLY A 544 0.56 -8.16 -4.05
C GLY A 544 0.40 -7.35 -2.80
N ALA A 545 -0.35 -6.24 -2.88
CA ALA A 545 -0.61 -5.39 -1.73
C ALA A 545 -1.82 -5.91 -0.95
N GLY A 546 -1.69 -6.02 0.36
CA GLY A 546 -2.78 -6.44 1.22
C GLY A 546 -3.93 -5.45 1.23
N HIS A 547 -3.61 -4.16 1.29
CA HIS A 547 -4.63 -3.11 1.32
C HIS A 547 -5.41 -3.01 0.02
N ALA A 548 -4.69 -3.10 -1.10
CA ALA A 548 -5.29 -2.96 -2.43
C ALA A 548 -6.12 -4.18 -2.82
N THR A 549 -5.68 -5.37 -2.42
CA THR A 549 -6.44 -6.59 -2.66
C THR A 549 -7.75 -6.53 -1.89
N VAL A 550 -7.67 -6.14 -0.62
CA VAL A 550 -8.86 -5.95 0.21
C VAL A 550 -9.73 -4.81 -0.34
N ALA A 551 -9.08 -3.73 -0.77
CA ALA A 551 -9.78 -2.59 -1.39
C ALA A 551 -10.54 -3.01 -2.63
N GLY A 552 -9.84 -3.72 -3.51
CA GLY A 552 -10.43 -4.19 -4.76
C GLY A 552 -11.60 -5.13 -4.55
N ALA A 553 -11.49 -6.00 -3.55
CA ALA A 553 -12.55 -6.95 -3.25
C ALA A 553 -13.76 -6.28 -2.61
N CYS A 554 -13.52 -5.33 -1.70
CA CYS A 554 -14.60 -4.69 -0.95
C CYS A 554 -15.47 -3.77 -1.80
N VAL A 555 -14.84 -2.80 -2.49
CA VAL A 555 -15.60 -1.82 -3.27
C VAL A 555 -16.32 -2.48 -4.45
N THR A 556 -15.77 -3.57 -4.97
CA THR A 556 -16.43 -4.36 -5.99
C THR A 556 -17.78 -4.89 -5.48
N MET A 557 -17.81 -5.31 -4.22
CA MET A 557 -19.07 -5.72 -3.58
C MET A 557 -20.02 -4.53 -3.41
N LEU A 558 -19.47 -3.39 -3.03
CA LEU A 558 -20.27 -2.17 -2.83
C LEU A 558 -20.86 -1.67 -4.15
N LYS A 559 -20.04 -1.68 -5.20
CA LYS A 559 -20.51 -1.29 -6.53
C LYS A 559 -21.54 -2.29 -7.08
N ALA A 560 -21.41 -3.55 -6.70
CA ALA A 560 -22.35 -4.61 -7.13
C ALA A 560 -23.74 -4.41 -6.53
N PHE A 561 -23.78 -4.15 -5.22
CA PHE A 561 -25.06 -4.01 -4.50
C PHE A 561 -25.71 -2.66 -4.75
N PHE A 562 -24.96 -1.58 -4.54
CA PHE A 562 -25.50 -0.24 -4.69
C PHE A 562 -25.69 0.13 -6.16
N ASP A 563 -26.52 1.16 -6.39
CA ASP A 563 -26.69 1.73 -7.71
C ASP A 563 -25.45 2.57 -8.00
N HIS A 564 -24.49 1.96 -8.69
CA HIS A 564 -23.21 2.58 -9.01
C HIS A 564 -23.32 3.92 -9.75
N GLY A 565 -24.35 4.06 -10.56
CA GLY A 565 -24.61 5.30 -11.28
C GLY A 565 -25.15 6.44 -10.43
N TRP A 566 -25.72 6.12 -9.27
CA TRP A 566 -26.32 7.13 -8.39
C TRP A 566 -25.37 8.29 -8.14
N GLN A 567 -25.90 9.50 -8.24
CA GLN A 567 -25.10 10.71 -8.06
C GLN A 567 -25.22 11.18 -6.62
N LEU A 568 -24.08 11.30 -5.93
CA LEU A 568 -24.06 11.79 -4.57
C LEU A 568 -24.29 13.30 -4.64
N ASN A 569 -25.45 13.75 -4.18
CA ASN A 569 -25.73 15.18 -4.15
C ASN A 569 -25.48 15.72 -2.74
N LEU A 570 -24.29 16.30 -2.55
CA LEU A 570 -23.94 16.94 -1.28
C LEU A 570 -24.33 18.43 -1.31
N GLY A 571 -25.36 18.76 -2.07
CA GLY A 571 -25.83 20.15 -2.22
C GLY A 571 -25.30 20.83 -3.46
N MET A 572 -25.87 21.98 -3.78
CA MET A 572 -25.43 22.79 -4.92
C MET A 572 -25.07 24.19 -4.44
N ALA A 573 -24.23 24.88 -5.21
CA ALA A 573 -23.79 26.23 -4.89
C ALA A 573 -23.41 26.99 -6.16
N ASN A 574 -24.20 28.00 -6.50
CA ASN A 574 -23.98 28.82 -7.69
C ASN A 574 -24.06 28.02 -8.99
N GLY A 575 -25.07 27.14 -9.09
CA GLY A 575 -25.28 26.33 -10.29
C GLY A 575 -24.27 25.22 -10.50
N LYS A 576 -23.47 24.93 -9.48
CA LYS A 576 -22.40 23.92 -9.56
C LYS A 576 -22.53 22.98 -8.36
N TYR A 577 -22.05 21.75 -8.50
CA TYR A 577 -22.25 20.71 -7.49
C TYR A 577 -21.19 20.73 -6.39
N ILE A 578 -21.64 20.60 -5.15
CA ILE A 578 -20.76 20.71 -3.99
C ILE A 578 -19.95 19.44 -3.76
N SER A 579 -18.65 19.63 -3.53
CA SER A 579 -17.73 18.57 -3.16
C SER A 579 -16.78 19.12 -2.10
N TYR A 580 -16.29 18.25 -1.22
CA TYR A 580 -15.47 18.68 -0.09
C TYR A 580 -14.02 18.21 -0.18
N GLU A 581 -13.15 18.97 0.48
CA GLU A 581 -11.77 18.59 0.68
C GLU A 581 -11.31 19.32 1.96
N PRO A 582 -10.23 18.84 2.60
CA PRO A 582 -9.87 19.44 3.89
C PRO A 582 -9.38 20.87 3.72
N ASN A 583 -9.82 21.76 4.60
CA ASN A 583 -9.23 23.10 4.69
C ASN A 583 -7.86 23.00 5.35
N GLN A 584 -7.07 24.07 5.30
CA GLN A 584 -5.74 24.05 5.93
C GLN A 584 -5.89 23.86 7.44
N ASP A 585 -4.94 23.15 8.03
CA ASP A 585 -4.93 22.82 9.48
C ASP A 585 -5.94 21.73 9.92
N GLY A 586 -6.91 21.43 9.05
CA GLY A 586 -7.88 20.37 9.31
C GLY A 586 -8.95 20.66 10.35
N SER A 587 -9.35 21.92 10.48
CA SER A 587 -10.44 22.32 11.39
C SER A 587 -11.79 21.83 10.89
N SER A 588 -11.97 21.86 9.57
CA SER A 588 -13.23 21.49 8.94
C SER A 588 -12.99 21.17 7.46
N LEU A 589 -14.07 21.11 6.68
CA LEU A 589 -13.98 20.88 5.24
C LEU A 589 -14.09 22.19 4.46
N GLN A 590 -13.67 22.14 3.20
CA GLN A 590 -13.69 23.30 2.31
C GLN A 590 -14.34 22.87 1.00
N GLN A 591 -15.36 23.61 0.57
CA GLN A 591 -16.10 23.24 -0.63
C GLN A 591 -15.27 23.43 -1.90
N VAL A 592 -15.50 22.55 -2.87
CA VAL A 592 -15.03 22.76 -4.24
C VAL A 592 -16.22 22.55 -5.16
N LEU A 593 -16.42 23.47 -6.10
CA LEU A 593 -17.59 23.42 -6.97
C LEU A 593 -17.23 22.77 -8.30
N LEU A 594 -18.02 21.76 -8.69
CA LEU A 594 -17.77 20.98 -9.90
C LEU A 594 -18.92 21.12 -10.88
N ASP A 595 -18.62 20.90 -12.16
CA ASP A 595 -19.62 21.01 -13.22
C ASP A 595 -20.63 19.86 -13.16
N CYS A 596 -20.11 18.64 -12.99
CA CYS A 596 -20.94 17.45 -12.84
C CYS A 596 -20.81 16.91 -11.41
N PRO A 597 -21.86 16.24 -10.91
CA PRO A 597 -21.81 15.71 -9.55
C PRO A 597 -21.06 14.38 -9.48
N LEU A 598 -20.57 14.05 -8.29
CA LEU A 598 -19.81 12.81 -8.08
C LEU A 598 -20.75 11.62 -7.98
N THR A 599 -20.29 10.46 -8.47
CA THR A 599 -21.10 9.25 -8.49
C THR A 599 -20.68 8.27 -7.40
N VAL A 600 -21.50 7.24 -7.19
CA VAL A 600 -21.18 6.18 -6.23
C VAL A 600 -19.94 5.41 -6.66
N GLU A 601 -19.91 4.97 -7.92
CA GLU A 601 -18.79 4.16 -8.41
C GLU A 601 -17.49 4.96 -8.38
N GLY A 602 -17.57 6.24 -8.74
CA GLY A 602 -16.40 7.10 -8.80
C GLY A 602 -15.71 7.26 -7.46
N GLU A 603 -16.49 7.60 -6.43
CA GLU A 603 -15.95 7.79 -5.08
C GLU A 603 -15.53 6.47 -4.44
N LEU A 604 -16.26 5.40 -4.75
CA LEU A 604 -15.88 4.06 -4.30
C LEU A 604 -14.58 3.61 -4.97
N ASN A 605 -14.39 3.98 -6.24
CA ASN A 605 -13.13 3.74 -6.92
C ASN A 605 -12.01 4.64 -6.41
N LYS A 606 -12.35 5.86 -6.02
CA LYS A 606 -11.36 6.82 -5.54
C LYS A 606 -10.84 6.45 -4.14
N ILE A 607 -11.75 6.03 -3.26
CA ILE A 607 -11.35 5.60 -1.91
C ILE A 607 -10.49 4.33 -1.96
N ALA A 608 -10.78 3.45 -2.92
CA ALA A 608 -9.96 2.26 -3.16
C ALA A 608 -8.53 2.67 -3.47
N ALA A 609 -8.38 3.70 -4.32
CA ALA A 609 -7.07 4.24 -4.65
C ALA A 609 -6.44 4.96 -3.45
N ASN A 610 -7.23 5.76 -2.73
CA ASN A 610 -6.74 6.49 -1.56
C ASN A 610 -6.02 5.58 -0.55
N ILE A 611 -6.68 4.48 -0.17
CA ILE A 611 -6.13 3.56 0.81
C ILE A 611 -4.95 2.77 0.25
N SER A 612 -5.09 2.30 -0.98
CA SER A 612 -4.03 1.53 -1.65
C SER A 612 -2.81 2.40 -1.89
N ILE A 613 -3.03 3.57 -2.50
CA ILE A 613 -1.96 4.51 -2.80
C ILE A 613 -1.46 5.19 -1.51
N GLY A 614 -2.32 5.23 -0.49
CA GLY A 614 -1.92 5.72 0.83
C GLY A 614 -0.71 4.99 1.38
N ARG A 615 -0.60 3.71 1.05
CA ARG A 615 0.57 2.91 1.41
C ARG A 615 1.81 3.42 0.66
N ASP A 616 1.63 3.77 -0.61
CA ASP A 616 2.72 4.33 -1.42
C ASP A 616 3.22 5.65 -0.83
N TRP A 617 2.29 6.49 -0.36
CA TRP A 617 2.65 7.73 0.34
C TRP A 617 3.47 7.43 1.59
N ALA A 618 3.08 6.37 2.31
CA ALA A 618 3.82 5.93 3.49
C ALA A 618 5.19 5.35 3.12
N GLY A 619 5.33 4.91 1.87
CA GLY A 619 6.61 4.46 1.33
C GLY A 619 6.82 2.96 1.40
N VAL A 620 5.73 2.19 1.37
CA VAL A 620 5.81 0.74 1.51
C VAL A 620 5.36 -0.04 0.27
N HIS A 621 4.86 0.65 -0.75
CA HIS A 621 4.41 0.01 -1.99
C HIS A 621 4.69 0.82 -3.25
N TYR A 622 4.83 0.11 -4.38
CA TYR A 622 4.93 0.74 -5.70
C TYR A 622 3.52 0.86 -6.28
N PHE A 623 3.40 1.49 -7.45
CA PHE A 623 2.09 1.64 -8.09
C PHE A 623 1.53 0.29 -8.56
N THR A 624 2.40 -0.58 -9.07
CA THR A 624 1.97 -1.89 -9.57
C THR A 624 1.28 -2.72 -8.48
N ASP A 625 1.74 -2.53 -7.24
CA ASP A 625 1.15 -3.20 -6.09
C ASP A 625 -0.32 -2.81 -5.93
N TYR A 626 -0.66 -1.56 -6.24
CA TYR A 626 -2.05 -1.10 -6.20
C TYR A 626 -2.86 -1.70 -7.35
N ILE A 627 -2.49 -1.34 -8.58
CA ILE A 627 -3.31 -1.63 -9.76
C ILE A 627 -3.57 -3.12 -9.98
N GLU A 628 -2.54 -3.94 -9.85
CA GLU A 628 -2.67 -5.37 -10.09
C GLU A 628 -3.38 -6.09 -8.94
N SER A 629 -3.17 -5.62 -7.71
CA SER A 629 -3.88 -6.13 -6.55
C SER A 629 -5.35 -5.73 -6.58
N LEU A 630 -5.61 -4.51 -7.05
CA LEU A 630 -6.97 -4.02 -7.26
C LEU A 630 -7.75 -5.03 -8.10
N ARG A 631 -7.14 -5.44 -9.21
CA ARG A 631 -7.75 -6.37 -10.15
C ARG A 631 -7.86 -7.78 -9.59
N LEU A 632 -6.91 -8.16 -8.73
CA LEU A 632 -6.95 -9.47 -8.07
C LEU A 632 -8.15 -9.58 -7.15
N GLY A 633 -8.34 -8.58 -6.29
CA GLY A 633 -9.47 -8.53 -5.38
C GLY A 633 -10.81 -8.51 -6.09
N GLU A 634 -10.83 -7.88 -7.27
CA GLU A 634 -12.03 -7.86 -8.11
C GLU A 634 -12.45 -9.27 -8.51
N LYS A 635 -11.48 -10.09 -8.92
CA LYS A 635 -11.75 -11.48 -9.32
C LYS A 635 -12.26 -12.31 -8.13
N ILE A 636 -11.73 -12.02 -6.94
CA ILE A 636 -12.18 -12.70 -5.72
C ILE A 636 -13.64 -12.35 -5.42
N ALA A 637 -13.95 -11.06 -5.43
CA ALA A 637 -15.30 -10.57 -5.13
C ALA A 637 -16.33 -11.10 -6.12
N ILE A 638 -16.01 -11.04 -7.41
CA ILE A 638 -16.89 -11.55 -8.46
C ILE A 638 -17.17 -13.03 -8.26
N GLY A 639 -16.11 -13.80 -7.97
CA GLY A 639 -16.23 -15.24 -7.75
C GLY A 639 -17.15 -15.60 -6.59
N ILE A 640 -17.03 -14.88 -5.48
CA ILE A 640 -17.88 -15.11 -4.31
C ILE A 640 -19.34 -14.82 -4.66
N LEU A 641 -19.58 -13.73 -5.37
CA LEU A 641 -20.93 -13.36 -5.80
C LEU A 641 -21.53 -14.40 -6.76
N GLU A 642 -20.71 -14.92 -7.67
CA GLU A 642 -21.13 -15.98 -8.58
C GLU A 642 -21.54 -17.25 -7.85
N GLU A 643 -20.82 -17.56 -6.76
CA GLU A 643 -21.09 -18.77 -5.98
C GLU A 643 -22.31 -18.62 -5.06
N GLN A 644 -22.44 -17.44 -4.45
CA GLN A 644 -23.62 -17.14 -3.63
C GLN A 644 -24.88 -16.96 -4.47
N LYS A 645 -24.70 -16.81 -5.78
CA LYS A 645 -25.83 -16.74 -6.71
C LYS A 645 -26.71 -18.00 -6.67
N LEU A 646 -26.09 -19.15 -6.39
CA LEU A 646 -26.81 -20.42 -6.34
C LEU A 646 -27.72 -20.57 -5.12
N THR A 647 -27.42 -19.83 -4.05
CA THR A 647 -28.16 -19.96 -2.79
C THR A 647 -29.61 -19.44 -2.85
N TYR A 648 -29.90 -18.59 -3.83
CA TYR A 648 -31.25 -18.06 -4.01
C TYR A 648 -32.04 -18.99 -4.92
N GLY A 649 -33.29 -19.27 -4.54
CA GLY A 649 -34.17 -20.11 -5.36
C GLY A 649 -34.75 -19.41 -6.57
N GLU A 650 -34.46 -18.11 -6.71
CA GLU A 650 -34.93 -17.31 -7.83
C GLU A 650 -33.77 -16.85 -8.70
N ASN A 651 -34.09 -16.42 -9.92
CA ASN A 651 -33.10 -15.85 -10.84
C ASN A 651 -33.20 -14.33 -10.83
N PHE A 652 -32.09 -13.69 -10.46
CA PHE A 652 -31.96 -12.24 -10.52
C PHE A 652 -30.61 -11.95 -11.16
N THR A 653 -30.24 -10.68 -11.24
CA THR A 653 -28.89 -10.32 -11.68
C THR A 653 -28.47 -8.98 -11.09
N MET A 654 -27.18 -8.87 -10.80
CA MET A 654 -26.60 -7.64 -10.27
C MET A 654 -25.42 -7.26 -11.13
N THR A 655 -25.51 -6.10 -11.77
CA THR A 655 -24.44 -5.61 -12.62
C THR A 655 -23.38 -4.97 -11.73
N VAL A 656 -22.13 -5.38 -11.92
CA VAL A 656 -21.00 -4.85 -11.15
C VAL A 656 -19.97 -4.23 -12.09
N PRO A 657 -19.75 -2.90 -11.97
CA PRO A 657 -18.78 -2.19 -12.80
C PRO A 657 -17.35 -2.68 -12.58
N LEU A 658 -16.59 -2.78 -13.66
CA LEU A 658 -15.18 -3.17 -13.59
C LEU A 658 -14.30 -1.94 -13.55
N TYR A 659 -13.08 -2.11 -13.05
CA TYR A 659 -12.09 -1.03 -13.03
C TYR A 659 -11.53 -0.76 -14.42
N ASP A 660 -11.79 -1.66 -15.36
CA ASP A 660 -11.28 -1.56 -16.73
C ASP A 660 -12.36 -1.11 -17.73
N GLY A 661 -13.46 -0.54 -17.23
CA GLY A 661 -14.42 0.18 -18.08
C GLY A 661 -15.74 -0.50 -18.40
N GLY A 662 -15.79 -1.83 -18.31
CA GLY A 662 -17.01 -2.56 -18.60
C GLY A 662 -17.88 -2.70 -17.37
N SER A 663 -18.91 -3.54 -17.46
CA SER A 663 -19.70 -3.94 -16.29
C SER A 663 -20.18 -5.38 -16.45
N ILE A 664 -19.50 -6.31 -15.78
CA ILE A 664 -19.85 -7.73 -15.80
C ILE A 664 -21.19 -7.96 -15.10
N GLN A 665 -21.94 -8.96 -15.58
CA GLN A 665 -23.20 -9.37 -14.98
C GLN A 665 -23.05 -10.69 -14.24
N ILE A 666 -23.59 -10.76 -13.04
CA ILE A 666 -23.52 -11.96 -12.20
C ILE A 666 -24.93 -12.47 -11.91
P PO4 B . 0.41 -4.34 3.00
O1 PO4 B . 1.31 -5.26 2.22
O2 PO4 B . -0.84 -4.06 2.20
O3 PO4 B . 0.03 -4.96 4.33
O4 PO4 B . 1.14 -3.04 3.24
#